data_2N58
#
_entry.id   2N58
#
_entity_poly.entity_id   1
_entity_poly.type   'polypeptide(L)'
_entity_poly.pdbx_seq_one_letter_code
;YAEKVAQEKGFLYRLTSRYRHYAAFERATF
;
_entity_poly.pdbx_strand_id   A
#
# COMPACT_ATOMS: atom_id res chain seq x y z
N TYR A 1 3.34 1.79 8.18
CA TYR A 1 2.51 2.07 7.01
C TYR A 1 1.04 2.14 7.40
N ALA A 2 0.31 3.06 6.77
CA ALA A 2 -1.11 3.24 7.04
C ALA A 2 -1.92 3.28 5.74
N GLU A 3 -3.20 2.97 5.84
CA GLU A 3 -4.07 2.97 4.67
C GLU A 3 -4.85 4.29 4.58
N LYS A 4 -4.20 5.37 4.98
CA LYS A 4 -4.82 6.70 4.93
C LYS A 4 -4.68 7.32 3.54
N VAL A 5 -3.45 7.61 3.15
CA VAL A 5 -3.18 8.21 1.85
C VAL A 5 -3.64 7.29 0.73
N ALA A 6 -3.64 5.99 0.99
CA ALA A 6 -4.07 5.00 0.00
C ALA A 6 -5.53 5.21 -0.40
N GLN A 7 -6.43 4.91 0.52
CA GLN A 7 -7.86 5.06 0.26
C GLN A 7 -8.20 6.50 -0.13
N GLU A 8 -7.37 7.43 0.33
CA GLU A 8 -7.57 8.85 0.02
C GLU A 8 -7.63 9.07 -1.48
N LYS A 9 -6.54 8.73 -2.17
CA LYS A 9 -6.46 8.90 -3.62
C LYS A 9 -7.51 8.05 -4.32
N GLY A 10 -7.37 6.72 -4.21
CA GLY A 10 -8.31 5.83 -4.85
C GLY A 10 -7.84 4.39 -4.83
N PHE A 11 -8.03 3.69 -5.94
CA PHE A 11 -7.63 2.29 -6.06
C PHE A 11 -6.35 2.16 -6.87
N LEU A 12 -6.37 2.72 -8.09
CA LEU A 12 -5.21 2.67 -8.97
C LEU A 12 -3.96 3.17 -8.26
N TYR A 13 -4.14 4.16 -7.38
CA TYR A 13 -3.02 4.73 -6.64
C TYR A 13 -2.30 3.66 -5.84
N ARG A 14 -3.07 2.80 -5.16
CA ARG A 14 -2.51 1.73 -4.36
C ARG A 14 -1.58 0.86 -5.18
N LEU A 15 -1.86 0.77 -6.48
CA LEU A 15 -1.04 -0.04 -7.38
C LEU A 15 0.26 0.66 -7.72
N THR A 16 1.20 0.67 -6.77
CA THR A 16 2.49 1.31 -6.95
C THR A 16 3.61 0.51 -6.30
N SER A 17 4.83 0.71 -6.79
CA SER A 17 5.98 -0.01 -6.25
C SER A 17 6.07 0.15 -4.73
N ARG A 18 5.96 1.40 -4.27
CA ARG A 18 6.02 1.67 -2.84
C ARG A 18 5.03 0.81 -2.07
N TYR A 19 3.79 0.75 -2.55
CA TYR A 19 2.76 -0.04 -1.90
C TYR A 19 3.13 -1.52 -1.89
N ARG A 20 3.60 -2.01 -3.04
CA ARG A 20 3.99 -3.41 -3.17
C ARG A 20 5.19 -3.73 -2.27
N HIS A 21 5.99 -2.71 -1.99
CA HIS A 21 7.17 -2.89 -1.14
C HIS A 21 6.75 -3.10 0.32
N TYR A 22 6.09 -2.09 0.89
CA TYR A 22 5.65 -2.16 2.28
C TYR A 22 4.77 -3.39 2.51
N ALA A 23 4.14 -3.87 1.45
CA ALA A 23 3.28 -5.04 1.52
C ALA A 23 4.09 -6.30 1.73
N ALA A 24 5.34 -6.28 1.30
CA ALA A 24 6.23 -7.43 1.44
C ALA A 24 6.87 -7.46 2.81
N PHE A 25 7.11 -6.29 3.39
CA PHE A 25 7.71 -6.19 4.71
C PHE A 25 6.64 -6.13 5.79
N GLU A 26 5.89 -5.03 5.82
CA GLU A 26 4.84 -4.84 6.80
C GLU A 26 3.91 -6.06 6.85
N ARG A 27 3.44 -6.49 5.67
CA ARG A 27 2.55 -7.63 5.58
C ARG A 27 3.30 -8.86 5.08
N ALA A 28 4.50 -9.08 5.61
CA ALA A 28 5.32 -10.21 5.21
C ALA A 28 4.53 -11.51 5.30
N THR A 29 4.19 -11.91 6.52
CA THR A 29 3.42 -13.14 6.74
C THR A 29 1.96 -12.95 6.37
N PHE A 30 1.45 -11.74 6.59
CA PHE A 30 0.06 -11.43 6.30
C PHE A 30 -0.04 -10.45 5.12
N TYR A 1 -1.07 1.27 9.51
CA TYR A 1 -0.56 1.03 8.16
C TYR A 1 -0.89 2.21 7.25
N ALA A 2 -2.14 2.63 7.24
CA ALA A 2 -2.59 3.74 6.41
C ALA A 2 -3.83 4.39 6.98
N GLU A 3 -3.96 5.70 6.78
CA GLU A 3 -5.12 6.44 7.27
C GLU A 3 -5.85 7.13 6.13
N LYS A 4 -5.21 8.14 5.55
CA LYS A 4 -5.79 8.89 4.45
C LYS A 4 -4.85 8.92 3.25
N VAL A 5 -4.00 7.91 3.15
CA VAL A 5 -3.05 7.81 2.05
C VAL A 5 -3.32 6.57 1.20
N ALA A 6 -3.93 5.56 1.81
CA ALA A 6 -4.24 4.33 1.11
C ALA A 6 -5.58 4.43 0.39
N GLN A 7 -6.66 4.58 1.16
CA GLN A 7 -8.00 4.69 0.60
C GLN A 7 -8.09 5.88 -0.37
N GLU A 8 -7.22 6.85 -0.16
CA GLU A 8 -7.20 8.04 -1.02
C GLU A 8 -6.60 7.72 -2.38
N LYS A 9 -6.85 8.59 -3.35
CA LYS A 9 -6.32 8.40 -4.71
C LYS A 9 -6.82 7.10 -5.31
N GLY A 10 -8.04 6.70 -4.93
CA GLY A 10 -8.61 5.48 -5.44
C GLY A 10 -7.76 4.26 -5.13
N PHE A 11 -8.12 3.12 -5.72
CA PHE A 11 -7.38 1.88 -5.49
C PHE A 11 -6.15 1.82 -6.40
N LEU A 12 -6.27 2.38 -7.59
CA LEU A 12 -5.17 2.39 -8.55
C LEU A 12 -3.89 2.93 -7.91
N TYR A 13 -4.05 3.82 -6.95
CA TYR A 13 -2.91 4.41 -6.25
C TYR A 13 -2.12 3.34 -5.50
N ARG A 14 -2.82 2.46 -4.81
CA ARG A 14 -2.19 1.39 -4.05
C ARG A 14 -1.30 0.54 -4.95
N LEU A 15 -1.64 0.50 -6.24
CA LEU A 15 -0.88 -0.28 -7.21
C LEU A 15 0.38 0.47 -7.63
N THR A 16 1.24 0.75 -6.66
CA THR A 16 2.49 1.47 -6.93
C THR A 16 3.70 0.62 -6.57
N SER A 17 4.88 1.10 -6.92
CA SER A 17 6.12 0.38 -6.63
C SER A 17 6.42 0.38 -5.13
N ARG A 18 6.12 1.50 -4.47
CA ARG A 18 6.35 1.63 -3.04
C ARG A 18 5.47 0.67 -2.27
N TYR A 19 4.18 0.64 -2.60
CA TYR A 19 3.23 -0.24 -1.93
C TYR A 19 3.73 -1.67 -1.93
N ARG A 20 4.06 -2.19 -3.11
CA ARG A 20 4.53 -3.55 -3.25
C ARG A 20 5.77 -3.78 -2.38
N HIS A 21 6.50 -2.70 -2.10
CA HIS A 21 7.70 -2.78 -1.28
C HIS A 21 7.36 -2.67 0.21
N TYR A 22 6.21 -2.07 0.50
CA TYR A 22 5.77 -1.88 1.88
C TYR A 22 5.06 -3.14 2.39
N ALA A 23 4.13 -3.65 1.59
CA ALA A 23 3.39 -4.85 1.96
C ALA A 23 4.29 -6.09 1.92
N ALA A 24 5.39 -6.00 1.19
CA ALA A 24 6.32 -7.10 1.07
C ALA A 24 7.42 -7.02 2.14
N PHE A 25 7.19 -6.17 3.13
CA PHE A 25 8.15 -6.00 4.21
C PHE A 25 7.44 -5.85 5.55
N GLU A 26 6.49 -4.92 5.62
CA GLU A 26 5.74 -4.67 6.84
C GLU A 26 5.16 -5.96 7.39
N ARG A 27 4.75 -6.86 6.49
CA ARG A 27 4.17 -8.14 6.88
C ARG A 27 4.53 -9.22 5.87
N ALA A 28 4.41 -8.89 4.59
CA ALA A 28 4.72 -9.84 3.52
C ALA A 28 3.79 -11.04 3.58
N THR A 29 2.67 -10.90 4.30
CA THR A 29 1.70 -11.97 4.43
C THR A 29 0.82 -12.08 3.19
N PHE A 30 0.60 -10.95 2.53
CA PHE A 30 -0.22 -10.91 1.32
C PHE A 30 0.24 -11.97 0.32
N TYR A 1 -3.51 -1.80 6.38
CA TYR A 1 -3.17 -0.83 7.41
C TYR A 1 -3.27 0.60 6.87
N ALA A 2 -2.84 0.78 5.63
CA ALA A 2 -2.90 2.09 4.99
C ALA A 2 -4.31 2.43 4.54
N GLU A 3 -4.97 3.30 5.30
CA GLU A 3 -6.33 3.71 4.99
C GLU A 3 -6.37 5.13 4.44
N LYS A 4 -5.72 6.04 5.15
CA LYS A 4 -5.67 7.45 4.73
C LYS A 4 -4.81 7.61 3.49
N VAL A 5 -3.66 6.93 3.46
CA VAL A 5 -2.75 7.00 2.32
C VAL A 5 -3.46 6.59 1.03
N ALA A 6 -4.50 5.78 1.17
CA ALA A 6 -5.26 5.31 0.01
C ALA A 6 -6.61 6.03 -0.09
N GLN A 7 -6.66 7.25 0.45
CA GLN A 7 -7.88 8.04 0.42
C GLN A 7 -7.70 9.31 -0.41
N GLU A 8 -6.46 9.77 -0.51
CA GLU A 8 -6.15 10.97 -1.28
C GLU A 8 -6.41 10.74 -2.77
N LYS A 9 -6.27 9.48 -3.19
CA LYS A 9 -6.49 9.13 -4.59
C LYS A 9 -7.58 8.07 -4.72
N GLY A 10 -7.25 6.83 -4.35
CA GLY A 10 -8.21 5.75 -4.43
C GLY A 10 -7.57 4.39 -4.17
N PHE A 11 -8.00 3.39 -4.94
CA PHE A 11 -7.48 2.05 -4.80
C PHE A 11 -6.28 1.83 -5.73
N LEU A 12 -6.45 2.19 -6.99
CA LEU A 12 -5.39 2.03 -7.99
C LEU A 12 -4.10 2.68 -7.51
N TYR A 13 -4.23 3.77 -6.75
CA TYR A 13 -3.08 4.48 -6.24
C TYR A 13 -2.18 3.56 -5.42
N ARG A 14 -2.80 2.74 -4.58
CA ARG A 14 -2.06 1.80 -3.75
C ARG A 14 -1.19 0.89 -4.60
N LEU A 15 -1.62 0.65 -5.83
CA LEU A 15 -0.87 -0.21 -6.75
C LEU A 15 0.39 0.50 -7.24
N THR A 16 1.43 0.49 -6.42
CA THR A 16 2.69 1.13 -6.78
C THR A 16 3.87 0.36 -6.20
N SER A 17 5.06 0.61 -6.74
CA SER A 17 6.27 -0.06 -6.28
C SER A 17 6.51 0.21 -4.80
N ARG A 18 6.49 1.48 -4.42
CA ARG A 18 6.70 1.86 -3.02
C ARG A 18 5.77 1.08 -2.10
N TYR A 19 4.49 1.05 -2.45
CA TYR A 19 3.49 0.35 -1.64
C TYR A 19 3.83 -1.13 -1.55
N ARG A 20 4.33 -1.69 -2.65
CA ARG A 20 4.69 -3.10 -2.69
C ARG A 20 5.91 -3.38 -1.81
N HIS A 21 6.78 -2.40 -1.70
CA HIS A 21 7.99 -2.54 -0.90
C HIS A 21 7.67 -2.45 0.59
N TYR A 22 6.55 -1.81 0.91
CA TYR A 22 6.12 -1.65 2.30
C TYR A 22 5.37 -2.90 2.77
N ALA A 23 4.42 -3.35 1.96
CA ALA A 23 3.63 -4.53 2.30
C ALA A 23 4.48 -5.80 2.23
N ALA A 24 5.59 -5.72 1.51
CA ALA A 24 6.49 -6.86 1.37
C ALA A 24 7.56 -6.85 2.45
N PHE A 25 7.36 -6.03 3.46
CA PHE A 25 8.32 -5.92 4.56
C PHE A 25 7.60 -5.77 5.91
N GLU A 26 6.69 -4.80 5.97
CA GLU A 26 5.93 -4.56 7.20
C GLU A 26 5.29 -5.84 7.70
N ARG A 27 4.85 -6.70 6.78
CA ARG A 27 4.22 -7.95 7.13
C ARG A 27 4.53 -9.03 6.10
N ALA A 28 4.44 -8.67 4.83
CA ALA A 28 4.72 -9.60 3.75
C ALA A 28 3.73 -10.76 3.77
N THR A 29 2.63 -10.59 4.48
CA THR A 29 1.61 -11.63 4.58
C THR A 29 0.75 -11.68 3.33
N PHE A 30 0.58 -10.53 2.69
CA PHE A 30 -0.23 -10.44 1.47
C PHE A 30 0.20 -11.48 0.46
N TYR A 1 0.06 0.39 8.30
CA TYR A 1 0.92 0.70 7.16
C TYR A 1 0.30 1.78 6.28
N ALA A 2 -1.03 1.77 6.19
CA ALA A 2 -1.74 2.75 5.38
C ALA A 2 -2.28 3.89 6.25
N GLU A 3 -1.69 5.07 6.10
CA GLU A 3 -2.10 6.24 6.86
C GLU A 3 -2.91 7.19 6.00
N LYS A 4 -4.13 6.78 5.67
CA LYS A 4 -5.02 7.61 4.85
C LYS A 4 -4.34 8.01 3.54
N VAL A 5 -3.44 7.16 3.07
CA VAL A 5 -2.72 7.41 1.83
C VAL A 5 -3.11 6.41 0.75
N ALA A 6 -3.50 5.21 1.18
CA ALA A 6 -3.90 4.16 0.25
C ALA A 6 -5.26 4.47 -0.38
N GLN A 7 -6.27 4.64 0.47
CA GLN A 7 -7.61 4.94 -0.02
C GLN A 7 -7.62 6.20 -0.87
N GLU A 8 -6.66 7.09 -0.62
CA GLU A 8 -6.56 8.33 -1.38
C GLU A 8 -6.11 8.06 -2.81
N LYS A 9 -6.38 9.02 -3.69
CA LYS A 9 -5.99 8.89 -5.09
C LYS A 9 -6.63 7.65 -5.72
N GLY A 10 -7.79 7.26 -5.19
CA GLY A 10 -8.47 6.09 -5.72
C GLY A 10 -7.89 4.79 -5.19
N PHE A 11 -8.06 3.71 -5.96
CA PHE A 11 -7.55 2.41 -5.56
C PHE A 11 -6.30 2.06 -6.36
N LEU A 12 -6.28 2.45 -7.63
CA LEU A 12 -5.15 2.17 -8.50
C LEU A 12 -3.86 2.75 -7.93
N TYR A 13 -4.00 3.82 -7.15
CA TYR A 13 -2.84 4.48 -6.54
C TYR A 13 -2.01 3.48 -5.74
N ARG A 14 -2.68 2.63 -4.98
CA ARG A 14 -2.01 1.64 -4.16
C ARG A 14 -1.11 0.75 -5.02
N LEU A 15 -1.49 0.59 -6.29
CA LEU A 15 -0.73 -0.23 -7.22
C LEU A 15 0.56 0.48 -7.65
N THR A 16 1.55 0.48 -6.76
CA THR A 16 2.83 1.13 -7.04
C THR A 16 3.99 0.29 -6.53
N SER A 17 5.21 0.79 -6.73
CA SER A 17 6.40 0.08 -6.29
C SER A 17 6.58 0.21 -4.77
N ARG A 18 6.51 1.43 -4.27
CA ARG A 18 6.66 1.69 -2.85
C ARG A 18 5.68 0.85 -2.04
N TYR A 19 4.41 0.89 -2.44
CA TYR A 19 3.37 0.13 -1.75
C TYR A 19 3.75 -1.34 -1.65
N ARG A 20 3.94 -1.98 -2.80
CA ARG A 20 4.31 -3.39 -2.83
C ARG A 20 5.55 -3.66 -1.98
N HIS A 21 6.45 -2.68 -1.94
CA HIS A 21 7.68 -2.80 -1.17
C HIS A 21 7.40 -2.67 0.32
N TYR A 22 6.32 -1.98 0.67
CA TYR A 22 5.94 -1.78 2.06
C TYR A 22 5.16 -2.98 2.59
N ALA A 23 4.19 -3.43 1.80
CA ALA A 23 3.36 -4.58 2.19
C ALA A 23 4.18 -5.87 2.15
N ALA A 24 5.27 -5.85 1.41
CA ALA A 24 6.14 -7.02 1.30
C ALA A 24 7.23 -7.02 2.36
N PHE A 25 7.07 -6.15 3.36
CA PHE A 25 8.04 -6.04 4.44
C PHE A 25 7.34 -5.83 5.78
N GLU A 26 6.46 -4.82 5.83
CA GLU A 26 5.73 -4.51 7.05
C GLU A 26 5.05 -5.76 7.61
N ARG A 27 4.58 -6.63 6.72
CA ARG A 27 3.91 -7.86 7.12
C ARG A 27 4.18 -8.98 6.12
N ALA A 28 4.08 -8.65 4.84
CA ALA A 28 4.31 -9.63 3.79
C ALA A 28 3.30 -10.76 3.85
N THR A 29 2.20 -10.53 4.58
CA THR A 29 1.16 -11.53 4.72
C THR A 29 0.27 -11.60 3.48
N PHE A 30 0.13 -10.46 2.81
CA PHE A 30 -0.68 -10.38 1.60
C PHE A 30 -0.30 -11.48 0.61
N TYR A 1 -1.48 -0.04 9.96
CA TYR A 1 -1.16 0.64 8.71
C TYR A 1 -1.96 1.93 8.59
N ALA A 2 -1.44 2.85 7.77
CA ALA A 2 -2.11 4.13 7.55
C ALA A 2 -3.41 3.96 6.79
N GLU A 3 -4.48 4.59 7.28
CA GLU A 3 -5.79 4.49 6.64
C GLU A 3 -6.26 5.87 6.21
N LYS A 4 -5.33 6.78 5.94
CA LYS A 4 -5.65 8.13 5.51
C LYS A 4 -5.49 8.27 3.99
N VAL A 5 -4.42 7.68 3.46
CA VAL A 5 -4.15 7.73 2.03
C VAL A 5 -4.62 6.46 1.33
N ALA A 6 -4.62 5.36 2.07
CA ALA A 6 -5.05 4.08 1.52
C ALA A 6 -6.56 4.02 1.35
N GLN A 7 -7.01 3.56 0.19
CA GLN A 7 -8.45 3.46 -0.09
C GLN A 7 -9.10 4.84 -0.09
N GLU A 8 -8.27 5.87 -0.19
CA GLU A 8 -8.76 7.24 -0.21
C GLU A 8 -8.18 8.01 -1.39
N LYS A 9 -6.85 8.08 -1.46
CA LYS A 9 -6.17 8.79 -2.54
C LYS A 9 -6.53 8.18 -3.89
N GLY A 10 -6.90 6.90 -3.89
CA GLY A 10 -7.25 6.23 -5.13
C GLY A 10 -6.91 4.76 -5.11
N PHE A 11 -7.34 4.04 -6.13
CA PHE A 11 -7.08 2.61 -6.23
C PHE A 11 -5.72 2.35 -6.89
N LEU A 12 -5.55 2.89 -8.10
CA LEU A 12 -4.30 2.71 -8.84
C LEU A 12 -3.12 3.25 -8.03
N TYR A 13 -3.39 4.20 -7.15
CA TYR A 13 -2.35 4.81 -6.32
C TYR A 13 -1.55 3.73 -5.60
N ARG A 14 -2.23 2.93 -4.79
CA ARG A 14 -1.58 1.85 -4.04
C ARG A 14 -0.88 0.89 -4.98
N LEU A 15 -1.36 0.80 -6.22
CA LEU A 15 -0.78 -0.09 -7.21
C LEU A 15 0.52 0.49 -7.76
N THR A 16 1.54 0.57 -6.91
CA THR A 16 2.83 1.10 -7.31
C THR A 16 3.95 0.12 -6.98
N SER A 17 5.10 0.30 -7.63
CA SER A 17 6.25 -0.57 -7.41
C SER A 17 6.75 -0.46 -5.98
N ARG A 18 6.62 0.72 -5.40
CA ARG A 18 7.06 0.96 -4.03
C ARG A 18 6.13 0.26 -3.03
N TYR A 19 4.83 0.42 -3.24
CA TYR A 19 3.84 -0.19 -2.35
C TYR A 19 4.10 -1.69 -2.21
N ARG A 20 4.22 -2.38 -3.32
CA ARG A 20 4.47 -3.81 -3.33
C ARG A 20 5.74 -4.15 -2.55
N HIS A 21 6.68 -3.20 -2.52
CA HIS A 21 7.93 -3.39 -1.82
C HIS A 21 7.79 -3.04 -0.35
N TYR A 22 6.80 -2.21 -0.03
CA TYR A 22 6.56 -1.79 1.34
C TYR A 22 5.73 -2.82 2.08
N ALA A 23 4.64 -3.27 1.46
CA ALA A 23 3.76 -4.26 2.06
C ALA A 23 4.44 -5.63 2.11
N ALA A 24 5.46 -5.81 1.29
CA ALA A 24 6.19 -7.08 1.24
C ALA A 24 7.38 -7.05 2.20
N PHE A 25 7.40 -6.07 3.10
CA PHE A 25 8.48 -5.94 4.07
C PHE A 25 7.93 -5.49 5.42
N GLU A 26 7.16 -4.41 5.41
CA GLU A 26 6.58 -3.87 6.64
C GLU A 26 5.84 -4.96 7.41
N ARG A 27 5.26 -5.90 6.67
CA ARG A 27 4.52 -7.00 7.30
C ARG A 27 4.58 -8.25 6.42
N ALA A 28 4.37 -8.07 5.11
CA ALA A 28 4.40 -9.18 4.17
C ALA A 28 3.29 -10.18 4.48
N THR A 29 2.31 -9.76 5.27
CA THR A 29 1.20 -10.62 5.63
C THR A 29 0.19 -10.73 4.50
N PHE A 30 0.08 -9.67 3.69
CA PHE A 30 -0.84 -9.65 2.57
C PHE A 30 -0.66 -10.89 1.70
N TYR A 1 -1.85 -0.94 7.67
CA TYR A 1 -1.08 0.22 8.12
C TYR A 1 -1.43 1.45 7.30
N ALA A 2 -1.87 1.23 6.06
CA ALA A 2 -2.25 2.32 5.17
C ALA A 2 -3.76 2.43 5.05
N GLU A 3 -4.32 3.47 5.65
CA GLU A 3 -5.77 3.69 5.60
C GLU A 3 -6.09 5.06 5.00
N LYS A 4 -5.25 6.04 5.30
CA LYS A 4 -5.45 7.40 4.80
C LYS A 4 -4.44 7.72 3.70
N VAL A 5 -3.28 7.05 3.75
CA VAL A 5 -2.23 7.27 2.75
C VAL A 5 -2.69 6.80 1.37
N ALA A 6 -3.63 5.87 1.35
CA ALA A 6 -4.16 5.34 0.09
C ALA A 6 -5.64 5.65 -0.06
N GLN A 7 -6.07 6.75 0.56
CA GLN A 7 -7.47 7.15 0.50
C GLN A 7 -7.61 8.50 -0.21
N GLU A 8 -6.55 9.31 -0.16
CA GLU A 8 -6.55 10.62 -0.78
C GLU A 8 -6.65 10.50 -2.30
N LYS A 9 -6.18 9.37 -2.82
CA LYS A 9 -6.22 9.12 -4.27
C LYS A 9 -7.32 8.14 -4.62
N GLY A 10 -7.08 6.86 -4.32
CA GLY A 10 -8.07 5.84 -4.62
C GLY A 10 -7.55 4.44 -4.33
N PHE A 11 -7.95 3.49 -5.16
CA PHE A 11 -7.53 2.10 -4.98
C PHE A 11 -6.30 1.79 -5.82
N LEU A 12 -6.35 2.13 -7.09
CA LEU A 12 -5.24 1.90 -8.01
C LEU A 12 -3.95 2.52 -7.47
N TYR A 13 -4.10 3.58 -6.67
CA TYR A 13 -2.95 4.26 -6.08
C TYR A 13 -2.06 3.29 -5.34
N ARG A 14 -2.67 2.32 -4.67
CA ARG A 14 -1.92 1.32 -3.92
C ARG A 14 -1.15 0.39 -4.86
N LEU A 15 -1.66 0.25 -6.08
CA LEU A 15 -1.02 -0.61 -7.07
C LEU A 15 0.22 0.05 -7.66
N THR A 16 1.23 0.25 -6.82
CA THR A 16 2.47 0.88 -7.26
C THR A 16 3.68 0.07 -6.82
N SER A 17 4.88 0.59 -7.09
CA SER A 17 6.11 -0.09 -6.73
C SER A 17 6.41 0.07 -5.25
N ARG A 18 6.37 1.32 -4.77
CA ARG A 18 6.63 1.60 -3.37
C ARG A 18 5.76 0.76 -2.46
N TYR A 19 4.47 0.69 -2.79
CA TYR A 19 3.52 -0.10 -2.00
C TYR A 19 4.02 -1.53 -1.82
N ARG A 20 4.55 -2.11 -2.89
CA ARG A 20 5.06 -3.47 -2.84
C ARG A 20 6.04 -3.65 -1.68
N HIS A 21 7.03 -2.78 -1.62
CA HIS A 21 8.04 -2.83 -0.56
C HIS A 21 7.42 -2.50 0.79
N TYR A 22 6.34 -1.73 0.77
CA TYR A 22 5.65 -1.34 2.00
C TYR A 22 4.82 -2.49 2.54
N ALA A 23 4.49 -3.44 1.68
CA ALA A 23 3.70 -4.60 2.08
C ALA A 23 4.51 -5.89 1.96
N ALA A 24 5.79 -5.74 1.61
CA ALA A 24 6.67 -6.90 1.46
C ALA A 24 7.67 -6.99 2.60
N PHE A 25 7.65 -5.98 3.46
CA PHE A 25 8.56 -5.95 4.61
C PHE A 25 7.78 -5.78 5.91
N GLU A 26 6.85 -4.84 5.93
CA GLU A 26 6.03 -4.59 7.12
C GLU A 26 5.39 -5.88 7.61
N ARG A 27 4.94 -6.70 6.67
CA ARG A 27 4.29 -7.96 7.02
C ARG A 27 4.62 -9.05 5.98
N ALA A 28 4.53 -8.69 4.71
CA ALA A 28 4.83 -9.62 3.63
C ALA A 28 3.87 -10.82 3.66
N THR A 29 2.76 -10.65 4.37
CA THR A 29 1.77 -11.72 4.48
C THR A 29 0.88 -11.76 3.24
N PHE A 30 0.68 -10.61 2.61
CA PHE A 30 -0.14 -10.52 1.41
C PHE A 30 0.29 -11.57 0.38
N TYR A 1 -2.50 -0.65 8.07
CA TYR A 1 -1.59 0.49 8.27
C TYR A 1 -1.69 1.46 7.10
N ALA A 2 -1.98 0.94 5.92
CA ALA A 2 -2.09 1.77 4.73
C ALA A 2 -3.56 2.01 4.37
N GLU A 3 -4.28 2.67 5.27
CA GLU A 3 -5.69 2.96 5.05
C GLU A 3 -5.92 4.47 4.89
N LYS A 4 -5.02 5.26 5.49
CA LYS A 4 -5.12 6.71 5.42
C LYS A 4 -4.52 7.23 4.12
N VAL A 5 -3.55 6.49 3.58
CA VAL A 5 -2.88 6.88 2.34
C VAL A 5 -3.47 6.12 1.16
N ALA A 6 -4.79 6.02 1.11
CA ALA A 6 -5.46 5.33 0.02
C ALA A 6 -6.64 6.14 -0.51
N GLN A 7 -7.40 6.73 0.41
CA GLN A 7 -8.56 7.53 0.03
C GLN A 7 -8.13 8.81 -0.68
N GLU A 8 -6.91 9.25 -0.39
CA GLU A 8 -6.37 10.46 -1.01
C GLU A 8 -6.49 10.40 -2.53
N LYS A 9 -6.43 9.18 -3.07
CA LYS A 9 -6.53 8.99 -4.51
C LYS A 9 -7.59 7.94 -4.84
N GLY A 10 -7.32 6.69 -4.50
CA GLY A 10 -8.26 5.62 -4.77
C GLY A 10 -7.68 4.24 -4.47
N PHE A 11 -8.03 3.26 -5.30
CA PHE A 11 -7.54 1.90 -5.11
C PHE A 11 -6.29 1.65 -5.95
N LEU A 12 -6.32 2.11 -7.20
CA LEU A 12 -5.19 1.93 -8.10
C LEU A 12 -3.93 2.61 -7.54
N TYR A 13 -4.13 3.69 -6.80
CA TYR A 13 -3.02 4.43 -6.20
C TYR A 13 -2.17 3.50 -5.34
N ARG A 14 -2.82 2.67 -4.54
CA ARG A 14 -2.11 1.75 -3.66
C ARG A 14 -1.23 0.80 -4.47
N LEU A 15 -1.63 0.54 -5.71
CA LEU A 15 -0.89 -0.36 -6.58
C LEU A 15 0.38 0.33 -7.10
N THR A 16 1.37 0.46 -6.23
CA THR A 16 2.63 1.10 -6.60
C THR A 16 3.82 0.34 -6.02
N SER A 17 4.99 0.54 -6.62
CA SER A 17 6.20 -0.13 -6.15
C SER A 17 6.45 0.15 -4.68
N ARG A 18 6.43 1.43 -4.31
CA ARG A 18 6.65 1.82 -2.93
C ARG A 18 5.73 1.06 -1.98
N TYR A 19 4.48 0.92 -2.38
CA TYR A 19 3.50 0.20 -1.56
C TYR A 19 3.82 -1.29 -1.51
N ARG A 20 4.16 -1.86 -2.66
CA ARG A 20 4.49 -3.27 -2.73
C ARG A 20 5.73 -3.59 -1.91
N HIS A 21 6.58 -2.59 -1.72
CA HIS A 21 7.81 -2.77 -0.95
C HIS A 21 7.51 -2.82 0.55
N TYR A 22 6.87 -1.77 1.04
CA TYR A 22 6.53 -1.70 2.47
C TYR A 22 5.71 -2.92 2.89
N ALA A 23 4.76 -3.30 2.04
CA ALA A 23 3.91 -4.45 2.33
C ALA A 23 4.71 -5.75 2.26
N ALA A 24 5.92 -5.67 1.74
CA ALA A 24 6.78 -6.84 1.62
C ALA A 24 7.74 -6.94 2.80
N PHE A 25 7.64 -5.99 3.73
CA PHE A 25 8.51 -5.97 4.90
C PHE A 25 7.68 -5.82 6.18
N GLU A 26 6.78 -4.83 6.17
CA GLU A 26 5.93 -4.58 7.33
C GLU A 26 5.24 -5.87 7.79
N ARG A 27 4.84 -6.70 6.83
CA ARG A 27 4.17 -7.95 7.14
C ARG A 27 4.53 -9.03 6.11
N ALA A 28 4.50 -8.65 4.83
CA ALA A 28 4.82 -9.57 3.76
C ALA A 28 3.81 -10.73 3.71
N THR A 29 2.68 -10.55 4.38
CA THR A 29 1.64 -11.56 4.40
C THR A 29 0.85 -11.59 3.10
N PHE A 30 0.74 -10.42 2.46
CA PHE A 30 0.01 -10.31 1.20
C PHE A 30 0.50 -11.35 0.20
N TYR A 1 -1.56 -1.09 7.25
CA TYR A 1 -0.86 0.12 7.66
C TYR A 1 -1.31 1.32 6.82
N ALA A 2 -2.54 1.25 6.31
CA ALA A 2 -3.08 2.32 5.49
C ALA A 2 -4.45 2.75 5.99
N GLU A 3 -4.55 4.01 6.41
CA GLU A 3 -5.81 4.55 6.91
C GLU A 3 -6.26 5.75 6.09
N LYS A 4 -5.31 6.63 5.77
CA LYS A 4 -5.61 7.82 4.99
C LYS A 4 -5.00 7.73 3.60
N VAL A 5 -3.82 7.11 3.52
CA VAL A 5 -3.12 6.95 2.25
C VAL A 5 -3.47 5.61 1.60
N ALA A 6 -4.75 5.26 1.63
CA ALA A 6 -5.21 4.02 1.04
C ALA A 6 -6.29 4.26 0.00
N GLN A 7 -7.28 5.08 0.37
CA GLN A 7 -8.37 5.40 -0.53
C GLN A 7 -8.05 6.63 -1.38
N GLU A 8 -7.23 7.52 -0.83
CA GLU A 8 -6.84 8.74 -1.54
C GLU A 8 -6.30 8.40 -2.93
N LYS A 9 -6.49 9.34 -3.86
CA LYS A 9 -6.02 9.15 -5.23
C LYS A 9 -6.60 7.87 -5.84
N GLY A 10 -7.78 7.48 -5.36
CA GLY A 10 -8.42 6.28 -5.86
C GLY A 10 -7.75 5.01 -5.37
N PHE A 11 -8.38 3.87 -5.64
CA PHE A 11 -7.84 2.58 -5.21
C PHE A 11 -6.55 2.27 -5.95
N LEU A 12 -6.45 2.74 -7.20
CA LEU A 12 -5.27 2.50 -8.01
C LEU A 12 -4.01 3.02 -7.31
N TYR A 13 -4.19 4.02 -6.44
CA TYR A 13 -3.08 4.61 -5.71
C TYR A 13 -2.26 3.54 -5.01
N ARG A 14 -2.95 2.62 -4.34
CA ARG A 14 -2.28 1.53 -3.62
C ARG A 14 -1.40 0.73 -4.56
N LEU A 15 -1.76 0.70 -5.84
CA LEU A 15 -0.99 -0.04 -6.84
C LEU A 15 0.25 0.74 -7.24
N THR A 16 1.12 1.00 -6.28
CA THR A 16 2.36 1.73 -6.53
C THR A 16 3.58 0.84 -6.29
N SER A 17 4.76 1.39 -6.57
CA SER A 17 6.00 0.65 -6.39
C SER A 17 6.37 0.56 -4.91
N ARG A 18 6.14 1.65 -4.18
CA ARG A 18 6.44 1.69 -2.75
C ARG A 18 5.54 0.72 -1.98
N TYR A 19 4.24 0.76 -2.27
CA TYR A 19 3.28 -0.10 -1.60
C TYR A 19 3.72 -1.56 -1.68
N ARG A 20 4.03 -2.01 -2.89
CA ARG A 20 4.45 -3.39 -3.12
C ARG A 20 5.70 -3.71 -2.29
N HIS A 21 6.49 -2.69 -1.99
CA HIS A 21 7.70 -2.86 -1.21
C HIS A 21 7.39 -2.94 0.28
N TYR A 22 6.68 -1.94 0.78
CA TYR A 22 6.31 -1.89 2.20
C TYR A 22 5.57 -3.16 2.60
N ALA A 23 4.68 -3.62 1.73
CA ALA A 23 3.90 -4.82 2.01
C ALA A 23 4.78 -6.06 1.96
N ALA A 24 6.01 -5.90 1.47
CA ALA A 24 6.95 -7.00 1.38
C ALA A 24 7.91 -7.02 2.57
N PHE A 25 7.73 -6.07 3.47
CA PHE A 25 8.58 -5.96 4.65
C PHE A 25 7.74 -5.85 5.92
N GLU A 26 6.77 -4.94 5.91
CA GLU A 26 5.90 -4.74 7.07
C GLU A 26 5.30 -6.07 7.53
N ARG A 27 4.98 -6.93 6.58
CA ARG A 27 4.40 -8.23 6.89
C ARG A 27 4.85 -9.28 5.88
N ALA A 28 4.80 -8.93 4.60
CA ALA A 28 5.20 -9.84 3.54
C ALA A 28 4.27 -11.05 3.48
N THR A 29 3.12 -10.95 4.13
CA THR A 29 2.16 -12.04 4.16
C THR A 29 1.40 -12.13 2.85
N PHE A 30 1.21 -10.99 2.19
CA PHE A 30 0.50 -10.94 0.92
C PHE A 30 1.07 -11.96 -0.06
N TYR A 1 2.73 4.10 6.69
CA TYR A 1 1.76 3.18 6.10
C TYR A 1 0.49 3.11 6.95
N ALA A 2 -0.63 2.83 6.30
CA ALA A 2 -1.91 2.75 7.00
C ALA A 2 -2.26 4.07 7.68
N GLU A 3 -1.92 5.18 7.02
CA GLU A 3 -2.20 6.50 7.57
C GLU A 3 -3.23 7.24 6.72
N LYS A 4 -4.29 6.54 6.34
CA LYS A 4 -5.34 7.12 5.51
C LYS A 4 -4.75 7.78 4.26
N VAL A 5 -3.77 7.11 3.65
CA VAL A 5 -3.13 7.63 2.45
C VAL A 5 -3.44 6.75 1.24
N ALA A 6 -3.64 5.46 1.49
CA ALA A 6 -3.95 4.52 0.43
C ALA A 6 -5.41 4.62 0.01
N GLN A 7 -6.28 4.86 0.99
CA GLN A 7 -7.71 4.97 0.73
C GLN A 7 -8.01 6.14 -0.19
N GLU A 8 -7.13 7.14 -0.18
CA GLU A 8 -7.29 8.31 -1.03
C GLU A 8 -6.62 8.11 -2.38
N LYS A 9 -6.65 9.15 -3.21
CA LYS A 9 -6.04 9.09 -4.54
C LYS A 9 -6.61 7.92 -5.34
N GLY A 10 -7.85 7.55 -5.05
CA GLY A 10 -8.48 6.46 -5.77
C GLY A 10 -7.96 5.10 -5.31
N PHE A 11 -8.20 4.08 -6.12
CA PHE A 11 -7.77 2.73 -5.79
C PHE A 11 -6.46 2.39 -6.50
N LEU A 12 -6.33 2.85 -7.74
CA LEU A 12 -5.13 2.60 -8.53
C LEU A 12 -3.89 3.08 -7.78
N TYR A 13 -4.06 4.06 -6.91
CA TYR A 13 -2.95 4.62 -6.15
C TYR A 13 -2.22 3.50 -5.39
N ARG A 14 -2.98 2.59 -4.79
CA ARG A 14 -2.41 1.49 -4.04
C ARG A 14 -1.49 0.66 -4.91
N LEU A 15 -1.82 0.56 -6.20
CA LEU A 15 -1.02 -0.20 -7.14
C LEU A 15 0.28 0.52 -7.47
N THR A 16 1.25 0.44 -6.56
CA THR A 16 2.53 1.09 -6.75
C THR A 16 3.67 0.21 -6.24
N SER A 17 4.90 0.54 -6.63
CA SER A 17 6.07 -0.22 -6.21
C SER A 17 6.23 -0.18 -4.69
N ARG A 18 6.18 1.03 -4.14
CA ARG A 18 6.32 1.20 -2.69
C ARG A 18 5.35 0.31 -1.93
N TYR A 19 4.08 0.38 -2.31
CA TYR A 19 3.04 -0.43 -1.66
C TYR A 19 3.36 -1.91 -1.78
N ARG A 20 3.83 -2.33 -2.95
CA ARG A 20 4.17 -3.72 -3.19
C ARG A 20 5.38 -4.13 -2.36
N HIS A 21 6.21 -3.16 -2.02
CA HIS A 21 7.41 -3.43 -1.23
C HIS A 21 7.07 -3.50 0.25
N TYR A 22 6.39 -2.48 0.76
CA TYR A 22 6.00 -2.43 2.16
C TYR A 22 5.15 -3.64 2.53
N ALA A 23 4.44 -4.19 1.56
CA ALA A 23 3.59 -5.35 1.78
C ALA A 23 4.41 -6.63 1.84
N ALA A 24 5.66 -6.55 1.37
CA ALA A 24 6.55 -7.70 1.37
C ALA A 24 7.32 -7.80 2.70
N PHE A 25 7.53 -6.66 3.34
CA PHE A 25 8.24 -6.62 4.61
C PHE A 25 7.28 -6.45 5.78
N GLU A 26 6.46 -5.41 5.70
CA GLU A 26 5.47 -5.13 6.75
C GLU A 26 4.34 -6.15 6.72
N ARG A 27 3.87 -6.46 5.51
CA ARG A 27 2.78 -7.41 5.34
C ARG A 27 3.30 -8.75 4.79
N ALA A 28 4.51 -9.12 5.20
CA ALA A 28 5.12 -10.36 4.75
C ALA A 28 4.17 -11.54 4.96
N THR A 29 3.85 -11.82 6.21
CA THR A 29 2.96 -12.92 6.55
C THR A 29 1.51 -12.59 6.17
N PHE A 30 1.15 -11.32 6.27
CA PHE A 30 -0.20 -10.88 5.95
C PHE A 30 -0.16 -9.70 4.97
N TYR A 1 0.15 0.63 7.94
CA TYR A 1 0.77 1.85 7.42
C TYR A 1 -0.17 2.56 6.44
N ALA A 2 -1.05 1.78 5.81
CA ALA A 2 -2.01 2.34 4.86
C ALA A 2 -3.41 2.38 5.45
N GLU A 3 -3.73 3.49 6.10
CA GLU A 3 -5.05 3.67 6.71
C GLU A 3 -5.94 4.56 5.84
N LYS A 4 -5.54 5.81 5.69
CA LYS A 4 -6.30 6.77 4.89
C LYS A 4 -5.60 7.03 3.55
N VAL A 5 -4.27 6.94 3.55
CA VAL A 5 -3.50 7.16 2.35
C VAL A 5 -3.89 6.18 1.25
N ALA A 6 -4.38 5.02 1.65
CA ALA A 6 -4.80 3.99 0.70
C ALA A 6 -5.91 4.51 -0.22
N GLN A 7 -7.08 4.76 0.34
CA GLN A 7 -8.20 5.26 -0.43
C GLN A 7 -7.88 6.62 -1.06
N GLU A 8 -7.01 7.37 -0.39
CA GLU A 8 -6.61 8.68 -0.88
C GLU A 8 -6.05 8.60 -2.29
N LYS A 9 -6.15 9.69 -3.04
CA LYS A 9 -5.66 9.74 -4.40
C LYS A 9 -6.24 8.61 -5.24
N GLY A 10 -7.46 8.21 -4.90
CA GLY A 10 -8.11 7.13 -5.64
C GLY A 10 -7.59 5.77 -5.25
N PHE A 11 -8.15 4.72 -5.86
CA PHE A 11 -7.75 3.35 -5.56
C PHE A 11 -6.48 2.98 -6.33
N LEU A 12 -6.35 3.51 -7.55
CA LEU A 12 -5.19 3.24 -8.38
C LEU A 12 -3.90 3.59 -7.66
N TYR A 13 -3.98 4.52 -6.72
CA TYR A 13 -2.82 4.95 -5.95
C TYR A 13 -2.12 3.75 -5.33
N ARG A 14 -2.90 2.85 -4.74
CA ARG A 14 -2.35 1.66 -4.11
C ARG A 14 -1.60 0.81 -5.13
N LEU A 15 -2.03 0.85 -6.38
CA LEU A 15 -1.40 0.08 -7.45
C LEU A 15 -0.09 0.74 -7.88
N THR A 16 0.90 0.74 -6.98
CA THR A 16 2.19 1.32 -7.28
C THR A 16 3.32 0.34 -6.97
N SER A 17 4.56 0.79 -7.16
CA SER A 17 5.73 -0.05 -6.92
C SER A 17 6.12 -0.01 -5.45
N ARG A 18 5.82 1.10 -4.79
CA ARG A 18 6.14 1.27 -3.38
C ARG A 18 5.17 0.49 -2.51
N TYR A 19 3.90 0.49 -2.88
CA TYR A 19 2.87 -0.22 -2.12
C TYR A 19 3.27 -1.68 -1.90
N ARG A 20 3.81 -2.30 -2.94
CA ARG A 20 4.24 -3.69 -2.86
C ARG A 20 5.45 -3.84 -1.94
N HIS A 21 6.33 -2.85 -1.98
CA HIS A 21 7.53 -2.86 -1.14
C HIS A 21 7.17 -2.73 0.33
N TYR A 22 6.05 -2.07 0.61
CA TYR A 22 5.60 -1.86 1.98
C TYR A 22 4.85 -3.09 2.48
N ALA A 23 4.06 -3.71 1.61
CA ALA A 23 3.28 -4.89 1.96
C ALA A 23 4.16 -6.14 1.97
N ALA A 24 5.25 -6.10 1.20
CA ALA A 24 6.17 -7.22 1.11
C ALA A 24 7.10 -7.27 2.32
N PHE A 25 7.28 -6.12 2.97
CA PHE A 25 8.14 -6.03 4.13
C PHE A 25 7.32 -5.92 5.42
N GLU A 26 6.39 -4.97 5.45
CA GLU A 26 5.55 -4.77 6.62
C GLU A 26 4.51 -5.88 6.73
N ARG A 27 3.93 -6.25 5.59
CA ARG A 27 2.92 -7.30 5.56
C ARG A 27 3.50 -8.59 4.98
N ALA A 28 4.79 -8.79 5.16
CA ALA A 28 5.47 -9.98 4.67
C ALA A 28 4.74 -11.25 5.11
N THR A 29 4.79 -11.54 6.40
CA THR A 29 4.14 -12.72 6.95
C THR A 29 2.62 -12.63 6.80
N PHE A 30 2.10 -11.41 6.85
CA PHE A 30 0.66 -11.19 6.71
C PHE A 30 0.38 -10.04 5.75
N TYR A 1 -4.17 -2.80 8.77
CA TYR A 1 -4.14 -2.93 7.32
C TYR A 1 -5.40 -2.32 6.70
N ALA A 2 -5.58 -1.01 6.87
CA ALA A 2 -6.73 -0.32 6.32
C ALA A 2 -6.36 0.50 5.10
N GLU A 3 -7.30 1.30 4.62
CA GLU A 3 -7.07 2.14 3.45
C GLU A 3 -6.66 3.55 3.87
N LYS A 4 -6.08 3.66 5.05
CA LYS A 4 -5.64 4.96 5.57
C LYS A 4 -4.65 5.62 4.61
N VAL A 5 -3.70 4.84 4.13
CA VAL A 5 -2.69 5.36 3.21
C VAL A 5 -3.20 5.31 1.77
N ALA A 6 -4.17 4.44 1.51
CA ALA A 6 -4.74 4.29 0.19
C ALA A 6 -6.00 5.13 0.03
N GLN A 7 -6.10 6.18 0.85
CA GLN A 7 -7.26 7.07 0.80
C GLN A 7 -7.01 8.24 -0.14
N GLU A 8 -5.74 8.59 -0.33
CA GLU A 8 -5.37 9.70 -1.20
C GLU A 8 -5.21 9.23 -2.64
N LYS A 9 -5.66 10.06 -3.58
CA LYS A 9 -5.56 9.72 -4.99
C LYS A 9 -6.30 8.42 -5.30
N GLY A 10 -7.27 8.09 -4.46
CA GLY A 10 -8.04 6.87 -4.66
C GLY A 10 -7.24 5.63 -4.33
N PHE A 11 -7.78 4.47 -4.70
CA PHE A 11 -7.12 3.20 -4.43
C PHE A 11 -6.01 2.94 -5.44
N LEU A 12 -6.18 3.49 -6.64
CA LEU A 12 -5.19 3.31 -7.71
C LEU A 12 -3.80 3.69 -7.21
N TYR A 13 -3.72 4.76 -6.43
CA TYR A 13 -2.44 5.23 -5.90
C TYR A 13 -1.70 4.09 -5.20
N ARG A 14 -2.41 3.38 -4.32
CA ARG A 14 -1.81 2.28 -3.58
C ARG A 14 -1.15 1.29 -4.53
N LEU A 15 -1.67 1.20 -5.74
CA LEU A 15 -1.12 0.28 -6.75
C LEU A 15 0.15 0.86 -7.37
N THR A 16 1.17 1.08 -6.53
CA THR A 16 2.43 1.62 -7.00
C THR A 16 3.59 0.69 -6.66
N SER A 17 4.67 0.80 -7.42
CA SER A 17 5.84 -0.04 -7.21
C SER A 17 6.30 0.03 -5.75
N ARG A 18 6.41 1.25 -5.24
CA ARG A 18 6.83 1.47 -3.86
C ARG A 18 5.98 0.66 -2.89
N TYR A 19 4.66 0.83 -3.01
CA TYR A 19 3.73 0.11 -2.14
C TYR A 19 4.00 -1.38 -2.15
N ARG A 20 4.23 -1.93 -3.34
CA ARG A 20 4.50 -3.36 -3.49
C ARG A 20 5.64 -3.79 -2.56
N HIS A 21 6.59 -2.88 -2.35
CA HIS A 21 7.73 -3.17 -1.48
C HIS A 21 7.41 -2.86 -0.03
N TYR A 22 6.77 -1.71 0.20
CA TYR A 22 6.40 -1.30 1.55
C TYR A 22 5.49 -2.33 2.21
N ALA A 23 4.67 -2.99 1.40
CA ALA A 23 3.75 -4.00 1.91
C ALA A 23 4.41 -5.38 1.92
N ALA A 24 5.68 -5.43 1.52
CA ALA A 24 6.42 -6.67 1.49
C ALA A 24 7.14 -6.92 2.81
N PHE A 25 7.16 -5.91 3.66
CA PHE A 25 7.82 -6.02 4.96
C PHE A 25 6.95 -5.43 6.06
N GLU A 26 6.33 -4.30 5.77
CA GLU A 26 5.46 -3.62 6.74
C GLU A 26 4.08 -4.24 6.76
N ARG A 27 3.73 -4.94 5.68
CA ARG A 27 2.43 -5.59 5.57
C ARG A 27 2.54 -6.89 4.79
N ALA A 28 3.72 -7.48 4.78
CA ALA A 28 3.96 -8.74 4.08
C ALA A 28 2.96 -9.79 4.50
N THR A 29 3.09 -10.26 5.74
CA THR A 29 2.19 -11.28 6.27
C THR A 29 1.10 -10.67 7.14
N PHE A 30 1.42 -9.54 7.77
CA PHE A 30 0.47 -8.85 8.63
C PHE A 30 0.02 -7.53 8.00
N TYR A 1 -0.68 1.74 7.81
CA TYR A 1 -0.10 2.43 6.65
C TYR A 1 -0.90 2.12 5.39
N ALA A 2 -0.93 3.08 4.47
CA ALA A 2 -1.66 2.93 3.22
C ALA A 2 -3.10 2.50 3.48
N GLU A 3 -3.64 2.92 4.62
CA GLU A 3 -5.01 2.57 4.98
C GLU A 3 -5.93 3.79 4.87
N LYS A 4 -5.34 4.98 5.02
CA LYS A 4 -6.10 6.22 4.94
C LYS A 4 -5.64 7.06 3.76
N VAL A 5 -4.39 6.87 3.36
CA VAL A 5 -3.83 7.61 2.23
C VAL A 5 -4.25 7.00 0.90
N ALA A 6 -4.07 5.68 0.78
CA ALA A 6 -4.43 4.97 -0.44
C ALA A 6 -5.93 5.02 -0.68
N GLN A 7 -6.69 4.67 0.36
CA GLN A 7 -8.15 4.67 0.25
C GLN A 7 -8.67 6.02 -0.25
N GLU A 8 -7.92 7.08 0.05
CA GLU A 8 -8.30 8.41 -0.37
C GLU A 8 -8.04 8.60 -1.87
N LYS A 9 -6.79 8.46 -2.27
CA LYS A 9 -6.41 8.62 -3.67
C LYS A 9 -7.29 7.75 -4.57
N GLY A 10 -7.08 6.44 -4.50
CA GLY A 10 -7.86 5.52 -5.33
C GLY A 10 -7.26 4.14 -5.38
N PHE A 11 -7.66 3.36 -6.37
CA PHE A 11 -7.16 2.00 -6.55
C PHE A 11 -5.81 2.01 -7.24
N LEU A 12 -5.75 2.66 -8.39
CA LEU A 12 -4.50 2.74 -9.17
C LEU A 12 -3.36 3.25 -8.30
N TYR A 13 -3.65 4.24 -7.46
CA TYR A 13 -2.63 4.81 -6.57
C TYR A 13 -1.94 3.72 -5.77
N ARG A 14 -2.73 2.91 -5.08
CA ARG A 14 -2.18 1.83 -4.26
C ARG A 14 -1.24 0.95 -5.09
N LEU A 15 -1.51 0.85 -6.38
CA LEU A 15 -0.69 0.05 -7.27
C LEU A 15 0.65 0.74 -7.55
N THR A 16 1.56 0.66 -6.58
CA THR A 16 2.87 1.28 -6.72
C THR A 16 3.95 0.41 -6.11
N SER A 17 5.21 0.79 -6.33
CA SER A 17 6.34 0.04 -5.80
C SER A 17 6.42 0.19 -4.28
N ARG A 18 6.32 1.43 -3.81
CA ARG A 18 6.39 1.71 -2.38
C ARG A 18 5.38 0.86 -1.61
N TYR A 19 4.13 0.90 -2.05
CA TYR A 19 3.07 0.14 -1.40
C TYR A 19 3.43 -1.34 -1.31
N ARG A 20 3.58 -1.99 -2.46
CA ARG A 20 3.94 -3.40 -2.51
C ARG A 20 5.17 -3.68 -1.66
N HIS A 21 6.05 -2.68 -1.56
CA HIS A 21 7.27 -2.82 -0.78
C HIS A 21 6.97 -2.85 0.72
N TYR A 22 6.31 -1.81 1.20
CA TYR A 22 5.95 -1.71 2.61
C TYR A 22 5.05 -2.86 3.02
N ALA A 23 4.29 -3.39 2.07
CA ALA A 23 3.38 -4.49 2.33
C ALA A 23 4.03 -5.83 2.00
N ALA A 24 5.31 -5.80 1.66
CA ALA A 24 6.05 -7.00 1.32
C ALA A 24 6.77 -7.56 2.54
N PHE A 25 6.88 -6.74 3.59
CA PHE A 25 7.55 -7.16 4.82
C PHE A 25 6.68 -6.85 6.03
N GLU A 26 6.03 -5.69 6.01
CA GLU A 26 5.18 -5.27 7.11
C GLU A 26 3.77 -5.83 6.95
N ARG A 27 3.39 -6.09 5.71
CA ARG A 27 2.06 -6.63 5.42
C ARG A 27 2.15 -7.79 4.42
N ALA A 28 3.33 -8.40 4.33
CA ALA A 28 3.55 -9.51 3.43
C ALA A 28 2.48 -10.60 3.63
N THR A 29 2.53 -11.26 4.78
CA THR A 29 1.58 -12.32 5.10
C THR A 29 0.52 -11.83 6.07
N PHE A 30 0.90 -10.87 6.91
CA PHE A 30 -0.02 -10.31 7.91
C PHE A 30 -0.36 -8.86 7.57
N TYR A 1 -2.95 -1.88 5.69
CA TYR A 1 -1.80 -1.02 5.94
C TYR A 1 -2.23 0.31 6.56
N ALA A 2 -3.22 0.95 5.95
CA ALA A 2 -3.72 2.22 6.45
C ALA A 2 -4.96 2.66 5.67
N GLU A 3 -5.74 3.55 6.27
CA GLU A 3 -6.96 4.04 5.65
C GLU A 3 -6.96 5.57 5.58
N LYS A 4 -5.76 6.16 5.50
CA LYS A 4 -5.62 7.60 5.44
C LYS A 4 -5.07 8.03 4.08
N VAL A 5 -4.24 7.18 3.49
CA VAL A 5 -3.65 7.47 2.18
C VAL A 5 -3.97 6.37 1.18
N ALA A 6 -5.08 5.68 1.40
CA ALA A 6 -5.50 4.60 0.51
C ALA A 6 -6.63 5.06 -0.41
N GLN A 7 -7.67 5.66 0.19
CA GLN A 7 -8.81 6.13 -0.57
C GLN A 7 -8.42 7.28 -1.49
N GLU A 8 -7.37 8.00 -1.11
CA GLU A 8 -6.89 9.13 -1.90
C GLU A 8 -6.26 8.64 -3.21
N LYS A 9 -6.34 9.47 -4.24
CA LYS A 9 -5.78 9.13 -5.54
C LYS A 9 -6.39 7.85 -6.08
N GLY A 10 -7.62 7.57 -5.67
CA GLY A 10 -8.30 6.37 -6.13
C GLY A 10 -7.72 5.10 -5.51
N PHE A 11 -8.18 3.96 -5.99
CA PHE A 11 -7.71 2.67 -5.49
C PHE A 11 -6.39 2.28 -6.15
N LEU A 12 -6.24 2.66 -7.41
CA LEU A 12 -5.02 2.34 -8.17
C LEU A 12 -3.79 2.87 -7.44
N TYR A 13 -3.97 3.91 -6.65
CA TYR A 13 -2.87 4.50 -5.90
C TYR A 13 -2.13 3.45 -5.09
N ARG A 14 -2.88 2.62 -4.37
CA ARG A 14 -2.30 1.56 -3.56
C ARG A 14 -1.47 0.61 -4.41
N LEU A 15 -1.80 0.52 -5.69
CA LEU A 15 -1.08 -0.35 -6.61
C LEU A 15 0.20 0.32 -7.10
N THR A 16 1.13 0.56 -6.18
CA THR A 16 2.39 1.19 -6.52
C THR A 16 3.57 0.35 -6.05
N SER A 17 4.75 0.60 -6.62
CA SER A 17 5.95 -0.13 -6.25
C SER A 17 6.20 -0.07 -4.76
N ARG A 18 6.15 1.14 -4.21
CA ARG A 18 6.38 1.34 -2.78
C ARG A 18 5.47 0.44 -1.96
N TYR A 19 4.18 0.51 -2.20
CA TYR A 19 3.21 -0.31 -1.48
C TYR A 19 3.55 -1.79 -1.59
N ARG A 20 3.92 -2.20 -2.80
CA ARG A 20 4.27 -3.60 -3.06
C ARG A 20 5.53 -3.98 -2.28
N HIS A 21 6.43 -3.03 -2.12
CA HIS A 21 7.67 -3.27 -1.40
C HIS A 21 7.41 -3.50 0.09
N TYR A 22 6.85 -2.48 0.75
CA TYR A 22 6.55 -2.57 2.17
C TYR A 22 5.63 -3.76 2.47
N ALA A 23 4.84 -4.14 1.47
CA ALA A 23 3.93 -5.26 1.62
C ALA A 23 4.66 -6.60 1.45
N ALA A 24 5.83 -6.54 0.84
CA ALA A 24 6.62 -7.75 0.62
C ALA A 24 7.50 -8.05 1.84
N PHE A 25 7.72 -7.04 2.67
CA PHE A 25 8.54 -7.21 3.87
C PHE A 25 7.68 -7.12 5.13
N GLU A 26 6.99 -6.00 5.29
CA GLU A 26 6.13 -5.80 6.46
C GLU A 26 4.91 -6.71 6.41
N ARG A 27 4.32 -6.82 5.21
CA ARG A 27 3.14 -7.66 5.02
C ARG A 27 3.49 -8.93 4.27
N ALA A 28 4.75 -9.37 4.40
CA ALA A 28 5.21 -10.58 3.73
C ALA A 28 4.28 -11.75 4.01
N THR A 29 4.33 -12.26 5.24
CA THR A 29 3.50 -13.39 5.64
C THR A 29 2.02 -13.05 5.50
N PHE A 30 1.68 -11.78 5.71
CA PHE A 30 0.30 -11.32 5.61
C PHE A 30 0.21 -10.02 4.83
N TYR A 1 -2.06 -0.78 6.42
CA TYR A 1 -1.34 0.40 6.88
C TYR A 1 -1.74 1.64 6.08
N ALA A 2 -2.96 1.62 5.55
CA ALA A 2 -3.46 2.74 4.76
C ALA A 2 -4.77 3.26 5.33
N GLU A 3 -4.89 4.58 5.44
CA GLU A 3 -6.10 5.20 5.97
C GLU A 3 -6.56 6.35 5.07
N LYS A 4 -5.69 7.35 4.91
CA LYS A 4 -6.01 8.51 4.08
C LYS A 4 -5.17 8.50 2.80
N VAL A 5 -4.01 7.87 2.87
CA VAL A 5 -3.11 7.79 1.71
C VAL A 5 -3.85 7.28 0.48
N ALA A 6 -4.83 6.40 0.71
CA ALA A 6 -5.61 5.84 -0.39
C ALA A 6 -6.88 6.65 -0.63
N GLN A 7 -7.34 7.34 0.40
CA GLN A 7 -8.54 8.17 0.29
C GLN A 7 -8.25 9.46 -0.47
N GLU A 8 -7.00 9.89 -0.43
CA GLU A 8 -6.60 11.12 -1.11
C GLU A 8 -6.71 10.96 -2.62
N LYS A 9 -6.58 9.72 -3.10
CA LYS A 9 -6.67 9.42 -4.52
C LYS A 9 -7.72 8.33 -4.79
N GLY A 10 -7.37 7.10 -4.46
CA GLY A 10 -8.28 5.99 -4.66
C GLY A 10 -7.60 4.64 -4.52
N PHE A 11 -8.08 3.65 -5.27
CA PHE A 11 -7.52 2.31 -5.21
C PHE A 11 -6.24 2.22 -6.04
N LEU A 12 -6.27 2.81 -7.22
CA LEU A 12 -5.11 2.80 -8.11
C LEU A 12 -3.87 3.34 -7.39
N TYR A 13 -4.06 4.36 -6.57
CA TYR A 13 -2.96 4.96 -5.83
C TYR A 13 -2.18 3.90 -5.06
N ARG A 14 -2.91 3.07 -4.31
CA ARG A 14 -2.28 2.02 -3.53
C ARG A 14 -1.43 1.11 -4.41
N LEU A 15 -1.79 1.04 -5.69
CA LEU A 15 -1.05 0.20 -6.64
C LEU A 15 0.27 0.85 -7.03
N THR A 16 1.21 0.89 -6.08
CA THR A 16 2.52 1.48 -6.33
C THR A 16 3.63 0.52 -5.97
N SER A 17 4.82 0.77 -6.50
CA SER A 17 5.97 -0.08 -6.24
C SER A 17 6.35 -0.07 -4.77
N ARG A 18 6.12 1.08 -4.12
CA ARG A 18 6.43 1.23 -2.71
C ARG A 18 5.46 0.42 -1.84
N TYR A 19 4.16 0.63 -2.06
CA TYR A 19 3.14 -0.07 -1.31
C TYR A 19 3.37 -1.59 -1.35
N ARG A 20 3.48 -2.12 -2.56
CA ARG A 20 3.70 -3.55 -2.75
C ARG A 20 4.96 -4.00 -2.00
N HIS A 21 5.89 -3.08 -1.80
CA HIS A 21 7.13 -3.38 -1.11
C HIS A 21 6.94 -3.34 0.41
N TYR A 22 5.96 -2.56 0.84
CA TYR A 22 5.66 -2.43 2.27
C TYR A 22 4.93 -3.66 2.79
N ALA A 23 3.84 -4.02 2.15
CA ALA A 23 3.06 -5.18 2.55
C ALA A 23 3.89 -6.45 2.47
N ALA A 24 4.84 -6.48 1.54
CA ALA A 24 5.71 -7.64 1.37
C ALA A 24 6.76 -7.71 2.47
N PHE A 25 6.79 -6.68 3.31
CA PHE A 25 7.75 -6.64 4.41
C PHE A 25 7.04 -6.36 5.74
N GLU A 26 5.73 -6.22 5.68
CA GLU A 26 4.94 -5.96 6.87
C GLU A 26 3.84 -7.00 7.05
N ARG A 27 3.28 -7.45 5.93
CA ARG A 27 2.22 -8.45 5.95
C ARG A 27 2.43 -9.49 4.86
N ALA A 28 3.68 -9.79 4.56
CA ALA A 28 4.02 -10.76 3.54
C ALA A 28 3.75 -12.18 4.03
N THR A 29 4.59 -12.67 4.94
CA THR A 29 4.43 -14.01 5.48
C THR A 29 3.84 -13.97 6.89
N PHE A 30 4.09 -12.88 7.60
CA PHE A 30 3.59 -12.71 8.95
C PHE A 30 2.47 -11.68 9.00
N TYR A 1 -2.39 -0.80 8.11
CA TYR A 1 -1.77 0.22 7.26
C TYR A 1 -2.47 1.57 7.45
N ALA A 2 -1.84 2.63 6.96
CA ALA A 2 -2.39 3.97 7.07
C ALA A 2 -3.47 4.21 6.01
N GLU A 3 -4.73 4.28 6.46
CA GLU A 3 -5.84 4.49 5.54
C GLU A 3 -5.69 5.82 4.81
N LYS A 4 -5.07 6.80 5.46
CA LYS A 4 -4.86 8.11 4.87
C LYS A 4 -4.19 8.00 3.51
N VAL A 5 -3.37 6.96 3.35
CA VAL A 5 -2.65 6.74 2.10
C VAL A 5 -3.04 5.39 1.49
N ALA A 6 -4.22 5.32 0.89
CA ALA A 6 -4.70 4.10 0.27
C ALA A 6 -5.67 4.40 -0.86
N GLN A 7 -6.89 4.78 -0.50
CA GLN A 7 -7.92 5.10 -1.49
C GLN A 7 -8.18 6.60 -1.54
N GLU A 8 -7.72 7.31 -0.52
CA GLU A 8 -7.90 8.76 -0.45
C GLU A 8 -7.43 9.43 -1.74
N LYS A 9 -6.44 8.82 -2.38
CA LYS A 9 -5.89 9.36 -3.61
C LYS A 9 -6.44 8.61 -4.82
N GLY A 10 -6.75 7.33 -4.63
CA GLY A 10 -7.28 6.52 -5.72
C GLY A 10 -6.87 5.07 -5.61
N PHE A 11 -7.45 4.23 -6.47
CA PHE A 11 -7.15 2.81 -6.47
C PHE A 11 -5.77 2.55 -7.11
N LEU A 12 -5.62 2.98 -8.35
CA LEU A 12 -4.35 2.79 -9.07
C LEU A 12 -3.18 3.32 -8.24
N TYR A 13 -3.42 4.39 -7.49
CA TYR A 13 -2.38 4.99 -6.66
C TYR A 13 -1.74 3.95 -5.75
N ARG A 14 -2.58 3.26 -4.98
CA ARG A 14 -2.09 2.23 -4.06
C ARG A 14 -1.21 1.22 -4.79
N LEU A 15 -1.49 1.02 -6.07
CA LEU A 15 -0.72 0.08 -6.88
C LEU A 15 0.62 0.68 -7.28
N THR A 16 1.50 0.85 -6.31
CA THR A 16 2.82 1.42 -6.56
C THR A 16 3.92 0.54 -5.96
N SER A 17 5.13 0.68 -6.48
CA SER A 17 6.26 -0.11 -6.00
C SER A 17 6.46 0.08 -4.50
N ARG A 18 6.35 1.32 -4.04
CA ARG A 18 6.50 1.64 -2.63
C ARG A 18 5.50 0.86 -1.79
N TYR A 19 4.22 1.07 -2.06
CA TYR A 19 3.16 0.40 -1.32
C TYR A 19 3.31 -1.12 -1.41
N ARG A 20 3.42 -1.63 -2.63
CA ARG A 20 3.56 -3.06 -2.86
C ARG A 20 4.78 -3.60 -2.11
N HIS A 21 5.75 -2.73 -1.85
CA HIS A 21 6.95 -3.13 -1.14
C HIS A 21 6.77 -2.98 0.37
N TYR A 22 5.87 -2.10 0.76
CA TYR A 22 5.60 -1.87 2.19
C TYR A 22 4.77 -3.00 2.77
N ALA A 23 3.62 -3.28 2.16
CA ALA A 23 2.74 -4.34 2.62
C ALA A 23 3.44 -5.69 2.57
N ALA A 24 4.37 -5.83 1.63
CA ALA A 24 5.12 -7.08 1.49
C ALA A 24 6.21 -7.20 2.55
N PHE A 25 6.34 -6.16 3.37
CA PHE A 25 7.34 -6.15 4.42
C PHE A 25 6.73 -5.73 5.76
N GLU A 26 5.42 -5.50 5.75
CA GLU A 26 4.71 -5.09 6.96
C GLU A 26 3.54 -6.04 7.25
N ARG A 27 2.89 -6.50 6.19
CA ARG A 27 1.76 -7.41 6.34
C ARG A 27 1.88 -8.59 5.38
N ALA A 28 3.09 -8.84 4.90
CA ALA A 28 3.35 -9.93 3.98
C ALA A 28 2.98 -11.27 4.60
N THR A 29 3.84 -11.76 5.50
CA THR A 29 3.60 -13.03 6.16
C THR A 29 3.08 -12.82 7.58
N PHE A 30 3.45 -11.70 8.18
CA PHE A 30 3.02 -11.38 9.54
C PHE A 30 2.00 -10.24 9.53
N TYR A 1 -2.52 1.33 8.84
CA TYR A 1 -1.78 1.04 7.62
C TYR A 1 -1.58 2.30 6.79
N ALA A 2 -2.67 2.85 6.28
CA ALA A 2 -2.61 4.06 5.47
C ALA A 2 -3.01 5.29 6.27
N GLU A 3 -2.47 6.44 5.92
CA GLU A 3 -2.77 7.68 6.61
C GLU A 3 -3.46 8.68 5.67
N LYS A 4 -4.66 8.34 5.24
CA LYS A 4 -5.42 9.19 4.34
C LYS A 4 -4.63 9.51 3.09
N VAL A 5 -3.86 8.53 2.61
CA VAL A 5 -3.05 8.71 1.41
C VAL A 5 -3.53 7.80 0.28
N ALA A 6 -4.07 6.64 0.66
CA ALA A 6 -4.57 5.69 -0.33
C ALA A 6 -6.04 5.94 -0.63
N GLN A 7 -6.89 5.80 0.38
CA GLN A 7 -8.32 6.02 0.21
C GLN A 7 -8.60 7.37 -0.45
N GLU A 8 -7.73 8.35 -0.17
CA GLU A 8 -7.88 9.69 -0.73
C GLU A 8 -7.53 9.70 -2.21
N LYS A 9 -6.35 9.21 -2.54
CA LYS A 9 -5.90 9.15 -3.93
C LYS A 9 -6.90 8.40 -4.80
N GLY A 10 -6.95 7.08 -4.63
CA GLY A 10 -7.86 6.27 -5.41
C GLY A 10 -7.54 4.80 -5.33
N PHE A 11 -7.79 4.07 -6.43
CA PHE A 11 -7.53 2.65 -6.48
C PHE A 11 -6.18 2.37 -7.14
N LEU A 12 -6.04 2.82 -8.39
CA LEU A 12 -4.81 2.63 -9.14
C LEU A 12 -3.60 3.11 -8.34
N TYR A 13 -3.80 4.16 -7.55
CA TYR A 13 -2.74 4.73 -6.73
C TYR A 13 -2.06 3.64 -5.89
N ARG A 14 -2.88 2.88 -5.17
CA ARG A 14 -2.37 1.79 -4.33
C ARG A 14 -1.52 0.83 -5.13
N LEU A 15 -1.79 0.75 -6.43
CA LEU A 15 -1.05 -0.14 -7.32
C LEU A 15 0.29 0.46 -7.71
N THR A 16 1.12 0.76 -6.71
CA THR A 16 2.43 1.35 -6.95
C THR A 16 3.53 0.48 -6.35
N SER A 17 4.73 0.62 -6.89
CA SER A 17 5.88 -0.16 -6.42
C SER A 17 6.04 -0.01 -4.90
N ARG A 18 5.97 1.22 -4.42
CA ARG A 18 6.11 1.49 -2.99
C ARG A 18 5.13 0.63 -2.19
N TYR A 19 3.87 0.67 -2.57
CA TYR A 19 2.84 -0.11 -1.88
C TYR A 19 3.23 -1.58 -1.80
N ARG A 20 3.67 -2.14 -2.93
CA ARG A 20 4.06 -3.53 -2.98
C ARG A 20 5.09 -3.85 -1.90
N HIS A 21 6.13 -3.03 -1.82
CA HIS A 21 7.18 -3.23 -0.82
C HIS A 21 6.59 -3.26 0.58
N TYR A 22 5.75 -2.29 0.91
CA TYR A 22 5.13 -2.20 2.21
C TYR A 22 4.45 -3.52 2.58
N ALA A 23 3.61 -4.01 1.68
CA ALA A 23 2.90 -5.27 1.90
C ALA A 23 3.87 -6.44 1.97
N ALA A 24 5.01 -6.30 1.30
CA ALA A 24 6.02 -7.35 1.29
C ALA A 24 6.85 -7.33 2.57
N PHE A 25 6.60 -6.33 3.41
CA PHE A 25 7.33 -6.20 4.66
C PHE A 25 6.36 -6.09 5.84
N GLU A 26 5.07 -6.04 5.54
CA GLU A 26 4.05 -5.93 6.56
C GLU A 26 3.06 -7.09 6.47
N ARG A 27 2.89 -7.63 5.27
CA ARG A 27 1.98 -8.74 5.03
C ARG A 27 2.53 -9.68 3.97
N ALA A 28 3.82 -9.98 4.05
CA ALA A 28 4.46 -10.87 3.10
C ALA A 28 4.37 -12.32 3.54
N THR A 29 5.16 -12.69 4.54
CA THR A 29 5.16 -14.05 5.05
C THR A 29 4.26 -14.18 6.27
N PHE A 30 4.04 -13.06 6.96
CA PHE A 30 3.20 -13.05 8.15
C PHE A 30 1.88 -13.76 7.88
N TYR A 1 -0.67 2.89 8.51
CA TYR A 1 -0.95 1.96 7.42
C TYR A 1 -2.21 2.37 6.67
N ALA A 2 -3.16 2.97 7.38
CA ALA A 2 -4.41 3.42 6.78
C ALA A 2 -4.81 4.79 7.30
N GLU A 3 -4.38 5.84 6.60
CA GLU A 3 -4.69 7.20 6.99
C GLU A 3 -4.44 8.17 5.85
N LYS A 4 -3.33 7.96 5.13
CA LYS A 4 -2.97 8.81 4.01
C LYS A 4 -2.15 8.03 2.98
N VAL A 5 -2.34 6.71 2.95
CA VAL A 5 -1.62 5.86 2.01
C VAL A 5 -2.18 4.44 2.01
N ALA A 6 -2.06 3.76 0.89
CA ALA A 6 -2.55 2.39 0.77
C ALA A 6 -4.07 2.33 0.92
N GLN A 7 -4.78 2.41 -0.20
CA GLN A 7 -6.24 2.37 -0.19
C GLN A 7 -6.80 3.58 0.54
N GLU A 8 -5.97 4.59 0.74
CA GLU A 8 -6.39 5.81 1.43
C GLU A 8 -6.04 7.05 0.60
N LYS A 9 -5.87 6.86 -0.69
CA LYS A 9 -5.54 7.96 -1.59
C LYS A 9 -6.29 7.81 -2.92
N GLY A 10 -6.35 6.60 -3.44
CA GLY A 10 -7.04 6.35 -4.69
C GLY A 10 -6.80 4.96 -5.23
N PHE A 11 -7.74 4.46 -6.02
CA PHE A 11 -7.62 3.12 -6.60
C PHE A 11 -6.35 2.98 -7.41
N LEU A 12 -6.24 3.80 -8.47
CA LEU A 12 -5.07 3.77 -9.33
C LEU A 12 -3.79 4.00 -8.53
N TYR A 13 -3.87 4.92 -7.56
CA TYR A 13 -2.72 5.24 -6.72
C TYR A 13 -2.10 3.98 -6.11
N ARG A 14 -2.95 3.15 -5.51
CA ARG A 14 -2.49 1.91 -4.90
C ARG A 14 -1.67 1.08 -5.89
N LEU A 15 -2.03 1.17 -7.16
CA LEU A 15 -1.32 0.43 -8.20
C LEU A 15 0.02 1.08 -8.51
N THR A 16 0.98 0.86 -7.62
CA THR A 16 2.32 1.43 -7.79
C THR A 16 3.39 0.46 -7.31
N SER A 17 4.65 0.88 -7.39
CA SER A 17 5.76 0.05 -6.96
C SER A 17 5.95 0.11 -5.44
N ARG A 18 5.68 1.28 -4.87
CA ARG A 18 5.81 1.46 -3.43
C ARG A 18 4.78 0.63 -2.67
N TYR A 19 3.55 0.62 -3.17
CA TYR A 19 2.47 -0.15 -2.54
C TYR A 19 2.90 -1.59 -2.33
N ARG A 20 3.48 -2.20 -3.36
CA ARG A 20 3.93 -3.59 -3.28
C ARG A 20 5.00 -3.75 -2.21
N HIS A 21 5.73 -2.68 -1.94
CA HIS A 21 6.79 -2.70 -0.95
C HIS A 21 6.22 -2.54 0.46
N TYR A 22 5.47 -1.46 0.67
CA TYR A 22 4.87 -1.19 1.96
C TYR A 22 4.09 -2.41 2.47
N ALA A 23 3.15 -2.89 1.65
CA ALA A 23 2.35 -4.04 2.01
C ALA A 23 3.22 -5.26 2.30
N ALA A 24 4.37 -5.32 1.63
CA ALA A 24 5.29 -6.44 1.81
C ALA A 24 6.08 -6.29 3.11
N PHE A 25 5.85 -5.18 3.81
CA PHE A 25 6.55 -4.93 5.07
C PHE A 25 5.56 -4.50 6.15
N GLU A 26 4.28 -4.50 5.81
CA GLU A 26 3.24 -4.12 6.76
C GLU A 26 2.18 -5.21 6.87
N ARG A 27 1.88 -5.86 5.75
CA ARG A 27 0.90 -6.94 5.73
C ARG A 27 1.41 -8.15 4.97
N ALA A 28 2.74 -8.23 4.83
CA ALA A 28 3.37 -9.34 4.12
C ALA A 28 3.05 -10.67 4.79
N THR A 29 3.70 -10.94 5.92
CA THR A 29 3.49 -12.17 6.65
C THR A 29 2.61 -11.94 7.87
N PHE A 30 2.65 -10.72 8.41
CA PHE A 30 1.85 -10.37 9.57
C PHE A 30 0.72 -9.42 9.20
N TYR A 1 -1.52 -1.41 7.46
CA TYR A 1 -1.25 -0.01 7.73
C TYR A 1 -1.95 0.89 6.72
N ALA A 2 -3.13 0.48 6.29
CA ALA A 2 -3.91 1.24 5.33
C ALA A 2 -5.18 1.81 5.97
N GLU A 3 -5.11 3.08 6.38
CA GLU A 3 -6.24 3.73 7.02
C GLU A 3 -6.62 5.00 6.25
N LYS A 4 -5.70 5.96 6.21
CA LYS A 4 -5.94 7.22 5.51
C LYS A 4 -4.83 7.49 4.49
N VAL A 5 -4.32 6.42 3.89
CA VAL A 5 -3.26 6.56 2.89
C VAL A 5 -3.73 6.05 1.54
N ALA A 6 -4.64 5.08 1.55
CA ALA A 6 -5.17 4.51 0.32
C ALA A 6 -6.42 5.26 -0.13
N GLN A 7 -7.21 5.72 0.83
CA GLN A 7 -8.44 6.45 0.53
C GLN A 7 -8.13 7.80 -0.12
N GLU A 8 -6.95 8.33 0.18
CA GLU A 8 -6.52 9.62 -0.38
C GLU A 8 -6.68 9.63 -1.89
N LYS A 9 -6.53 8.46 -2.51
CA LYS A 9 -6.64 8.33 -3.96
C LYS A 9 -7.67 7.27 -4.33
N GLY A 10 -7.29 6.00 -4.16
CA GLY A 10 -8.19 4.91 -4.47
C GLY A 10 -7.50 3.56 -4.45
N PHE A 11 -7.73 2.76 -5.48
CA PHE A 11 -7.13 1.43 -5.56
C PHE A 11 -5.91 1.45 -6.49
N LEU A 12 -6.10 1.95 -7.71
CA LEU A 12 -5.02 2.01 -8.69
C LEU A 12 -3.80 2.70 -8.10
N TYR A 13 -4.04 3.73 -7.28
CA TYR A 13 -2.96 4.48 -6.66
C TYR A 13 -2.04 3.55 -5.86
N ARG A 14 -2.64 2.73 -5.01
CA ARG A 14 -1.88 1.79 -4.20
C ARG A 14 -0.96 0.93 -5.06
N LEU A 15 -1.37 0.69 -6.30
CA LEU A 15 -0.57 -0.11 -7.23
C LEU A 15 0.68 0.65 -7.65
N THR A 16 1.73 0.54 -6.83
CA THR A 16 3.00 1.21 -7.12
C THR A 16 4.17 0.40 -6.59
N SER A 17 5.36 0.67 -7.13
CA SER A 17 6.57 -0.01 -6.70
C SER A 17 6.81 0.18 -5.21
N ARG A 18 6.78 1.43 -4.77
CA ARG A 18 7.01 1.75 -3.37
C ARG A 18 6.03 0.98 -2.48
N TYR A 19 4.74 1.10 -2.77
CA TYR A 19 3.72 0.43 -2.00
C TYR A 19 4.00 -1.07 -1.90
N ARG A 20 4.21 -1.69 -3.05
CA ARG A 20 4.49 -3.13 -3.10
C ARG A 20 5.72 -3.46 -2.28
N HIS A 21 6.71 -2.57 -2.30
CA HIS A 21 7.95 -2.77 -1.55
C HIS A 21 7.71 -2.62 -0.06
N TYR A 22 6.70 -1.84 0.30
CA TYR A 22 6.36 -1.61 1.70
C TYR A 22 5.50 -2.74 2.25
N ALA A 23 4.50 -3.14 1.47
CA ALA A 23 3.60 -4.21 1.87
C ALA A 23 4.30 -5.56 1.84
N ALA A 24 5.34 -5.67 1.01
CA ALA A 24 6.10 -6.90 0.88
C ALA A 24 7.31 -6.90 1.81
N PHE A 25 7.28 -6.02 2.80
CA PHE A 25 8.38 -5.91 3.75
C PHE A 25 7.84 -5.67 5.17
N GLU A 26 7.04 -4.62 5.32
CA GLU A 26 6.46 -4.28 6.61
C GLU A 26 5.78 -5.50 7.24
N ARG A 27 4.94 -6.16 6.46
CA ARG A 27 4.22 -7.34 6.94
C ARG A 27 4.38 -8.50 5.97
N ALA A 28 4.36 -8.20 4.67
CA ALA A 28 4.50 -9.22 3.64
C ALA A 28 3.37 -10.24 3.72
N THR A 29 2.29 -9.86 4.40
CA THR A 29 1.13 -10.75 4.56
C THR A 29 0.14 -10.55 3.42
N PHE A 30 0.56 -9.83 2.38
CA PHE A 30 -0.30 -9.58 1.23
C PHE A 30 0.34 -10.09 -0.05
N TYR A 1 -1.90 -0.43 9.27
CA TYR A 1 -1.26 -0.24 7.98
C TYR A 1 -1.53 1.17 7.44
N ALA A 2 -0.63 1.65 6.60
CA ALA A 2 -0.78 2.99 6.00
C ALA A 2 -2.12 3.11 5.28
N GLU A 3 -3.07 3.78 5.93
CA GLU A 3 -4.39 3.98 5.35
C GLU A 3 -4.45 5.28 4.56
N LYS A 4 -3.60 6.23 4.94
CA LYS A 4 -3.55 7.53 4.26
C LYS A 4 -3.15 7.36 2.80
N VAL A 5 -2.43 6.29 2.51
CA VAL A 5 -1.98 6.03 1.15
C VAL A 5 -2.48 4.67 0.67
N ALA A 6 -3.77 4.41 0.90
CA ALA A 6 -4.38 3.15 0.48
C ALA A 6 -5.71 3.40 -0.22
N GLN A 7 -6.65 4.00 0.51
CA GLN A 7 -7.97 4.29 -0.04
C GLN A 7 -8.21 5.80 -0.10
N GLU A 8 -7.54 6.53 0.78
CA GLU A 8 -7.69 7.98 0.82
C GLU A 8 -7.48 8.60 -0.56
N LYS A 9 -6.65 7.95 -1.37
CA LYS A 9 -6.35 8.43 -2.71
C LYS A 9 -7.28 7.78 -3.73
N GLY A 10 -7.17 6.47 -3.87
CA GLY A 10 -8.01 5.75 -4.82
C GLY A 10 -7.67 4.27 -4.89
N PHE A 11 -8.02 3.64 -6.00
CA PHE A 11 -7.75 2.22 -6.19
C PHE A 11 -6.43 2.01 -6.92
N LEU A 12 -6.36 2.49 -8.17
CA LEU A 12 -5.16 2.35 -8.97
C LEU A 12 -3.93 2.85 -8.22
N TYR A 13 -4.13 3.89 -7.40
CA TYR A 13 -3.04 4.47 -6.62
C TYR A 13 -2.31 3.38 -5.83
N ARG A 14 -3.07 2.59 -5.08
CA ARG A 14 -2.49 1.53 -4.27
C ARG A 14 -1.66 0.58 -5.13
N LEU A 15 -1.99 0.51 -6.42
CA LEU A 15 -1.28 -0.35 -7.34
C LEU A 15 -0.02 0.33 -7.87
N THR A 16 0.85 0.75 -6.95
CA THR A 16 2.09 1.42 -7.31
C THR A 16 3.29 0.57 -6.92
N SER A 17 4.49 1.08 -7.24
CA SER A 17 5.72 0.37 -6.93
C SER A 17 6.07 0.50 -5.46
N ARG A 18 5.70 1.64 -4.87
CA ARG A 18 5.97 1.90 -3.46
C ARG A 18 5.11 1.00 -2.57
N TYR A 19 3.84 0.87 -2.92
CA TYR A 19 2.91 0.04 -2.16
C TYR A 19 3.45 -1.38 -2.01
N ARG A 20 4.24 -1.81 -2.97
CA ARG A 20 4.82 -3.15 -2.94
C ARG A 20 5.93 -3.25 -1.90
N HIS A 21 6.60 -2.12 -1.65
CA HIS A 21 7.68 -2.07 -0.68
C HIS A 21 7.15 -1.80 0.73
N TYR A 22 6.00 -1.14 0.79
CA TYR A 22 5.38 -0.81 2.07
C TYR A 22 4.57 -1.99 2.60
N ALA A 23 3.79 -2.61 1.72
CA ALA A 23 2.98 -3.75 2.10
C ALA A 23 3.84 -4.98 2.37
N ALA A 24 5.01 -5.03 1.74
CA ALA A 24 5.92 -6.14 1.93
C ALA A 24 6.92 -5.87 3.04
N PHE A 25 6.61 -4.89 3.89
CA PHE A 25 7.47 -4.53 5.00
C PHE A 25 6.66 -4.22 6.25
N GLU A 26 5.72 -3.28 6.11
CA GLU A 26 4.87 -2.90 7.23
C GLU A 26 4.23 -4.12 7.89
N ARG A 27 3.63 -4.97 7.06
CA ARG A 27 2.99 -6.18 7.56
C ARG A 27 3.46 -7.41 6.80
N ALA A 28 3.67 -7.25 5.50
CA ALA A 28 4.13 -8.34 4.66
C ALA A 28 3.13 -9.50 4.67
N THR A 29 1.90 -9.21 5.09
CA THR A 29 0.86 -10.23 5.15
C THR A 29 0.09 -10.31 3.83
N PHE A 30 0.62 -9.65 2.80
CA PHE A 30 -0.02 -9.65 1.49
C PHE A 30 0.92 -10.20 0.42
N TYR A 1 -5.84 -2.30 2.80
CA TYR A 1 -5.01 -2.12 3.98
C TYR A 1 -5.48 -0.91 4.80
N ALA A 2 -5.39 0.27 4.21
CA ALA A 2 -5.81 1.49 4.88
C ALA A 2 -6.46 2.46 3.90
N GLU A 3 -7.27 3.38 4.43
CA GLU A 3 -7.95 4.36 3.59
C GLU A 3 -7.34 5.75 3.79
N LYS A 4 -6.85 6.02 4.99
CA LYS A 4 -6.24 7.30 5.31
C LYS A 4 -5.15 7.65 4.30
N VAL A 5 -4.52 6.62 3.74
CA VAL A 5 -3.46 6.82 2.76
C VAL A 5 -3.97 6.60 1.35
N ALA A 6 -5.04 5.81 1.23
CA ALA A 6 -5.63 5.52 -0.07
C ALA A 6 -6.78 6.47 -0.39
N GLN A 7 -6.75 7.65 0.22
CA GLN A 7 -7.79 8.66 0.01
C GLN A 7 -7.23 9.85 -0.74
N GLU A 8 -5.92 10.06 -0.64
CA GLU A 8 -5.27 11.17 -1.32
C GLU A 8 -5.42 11.06 -2.83
N LYS A 9 -5.58 9.84 -3.32
CA LYS A 9 -5.74 9.59 -4.74
C LYS A 9 -6.77 8.50 -5.00
N GLY A 10 -6.72 7.44 -4.19
CA GLY A 10 -7.66 6.34 -4.35
C GLY A 10 -6.98 4.99 -4.38
N PHE A 11 -7.72 3.97 -4.78
CA PHE A 11 -7.18 2.61 -4.85
C PHE A 11 -6.13 2.50 -5.95
N LEU A 12 -6.42 3.10 -7.10
CA LEU A 12 -5.50 3.07 -8.24
C LEU A 12 -4.11 3.52 -7.81
N TYR A 13 -4.04 4.40 -6.83
CA TYR A 13 -2.77 4.91 -6.33
C TYR A 13 -1.99 3.81 -5.61
N ARG A 14 -2.70 3.01 -4.81
CA ARG A 14 -2.08 1.93 -4.06
C ARG A 14 -1.36 0.97 -5.01
N LEU A 15 -1.82 0.90 -6.25
CA LEU A 15 -1.23 0.02 -7.25
C LEU A 15 0.11 0.58 -7.74
N THR A 16 1.13 0.50 -6.89
CA THR A 16 2.45 0.99 -7.24
C THR A 16 3.54 0.03 -6.76
N SER A 17 4.79 0.37 -7.04
CA SER A 17 5.91 -0.46 -6.64
C SER A 17 6.19 -0.33 -5.14
N ARG A 18 6.18 0.90 -4.65
CA ARG A 18 6.43 1.16 -3.24
C ARG A 18 5.43 0.41 -2.36
N TYR A 19 4.15 0.51 -2.72
CA TYR A 19 3.10 -0.16 -1.98
C TYR A 19 3.40 -1.63 -1.79
N ARG A 20 4.10 -2.22 -2.77
CA ARG A 20 4.46 -3.62 -2.71
C ARG A 20 5.53 -3.87 -1.64
N HIS A 21 6.56 -3.05 -1.66
CA HIS A 21 7.66 -3.17 -0.69
C HIS A 21 7.14 -2.98 0.73
N TYR A 22 6.09 -2.19 0.87
CA TYR A 22 5.50 -1.92 2.18
C TYR A 22 4.83 -3.16 2.74
N ALA A 23 3.89 -3.72 1.97
CA ALA A 23 3.16 -4.91 2.39
C ALA A 23 4.11 -6.08 2.60
N ALA A 24 5.22 -6.09 1.85
CA ALA A 24 6.21 -7.15 1.97
C ALA A 24 7.05 -6.99 3.23
N PHE A 25 6.84 -5.89 3.94
CA PHE A 25 7.57 -5.60 5.16
C PHE A 25 6.62 -5.27 6.31
N GLU A 26 5.33 -5.28 6.02
CA GLU A 26 4.32 -4.97 7.02
C GLU A 26 3.31 -6.12 7.14
N ARG A 27 2.99 -6.74 6.01
CA ARG A 27 2.04 -7.85 5.99
C ARG A 27 2.53 -8.98 5.10
N ALA A 28 3.86 -9.16 5.05
CA ALA A 28 4.46 -10.20 4.24
C ALA A 28 4.25 -11.58 4.86
N THR A 29 4.97 -11.85 5.95
CA THR A 29 4.86 -13.13 6.64
C THR A 29 4.05 -12.99 7.92
N PHE A 30 4.07 -11.80 8.51
CA PHE A 30 3.35 -11.55 9.74
C PHE A 30 2.14 -10.64 9.48
#